data_5YXB
#
_entry.id   5YXB
#
_cell.length_a   86.399
_cell.length_b   86.399
_cell.length_c   75.106
_cell.angle_alpha   90.000
_cell.angle_beta   90.000
_cell.angle_gamma   90.000
#
_symmetry.space_group_name_H-M   'P 42 2 2'
#
loop_
_entity.id
_entity.type
_entity.pdbx_description
1 polymer 'Bile acid receptor'
2 polymer 'Peptide from Nuclear receptor coactivator 2'
3 non-polymer '2-methoxyethyl (2E)-3-phenylprop-2-en-1-yl 2,6-dimethyl-4-(3-nitrophenyl)pyridine-3,5-dicarboxylate'
4 water water
#
loop_
_entity_poly.entity_id
_entity_poly.type
_entity_poly.pdbx_seq_one_letter_code
_entity_poly.pdbx_strand_id
1 'polypeptide(L)'
;ELTPDQQTLLHFIMDSYNKQRMPQEITNKILKEEFSAEENFLILTEMATNHVQVLVEFTKKLPGFQTLDHEDQIALLKGS
AVEAMFLRSAEIFNKKLPSGHSDLLEERIRNSGISDEYITPMFSFYKSIGELKMTQEEYALLTAIVILSPDRQYIKDREA
VEKLQEPLLDVLQKLCKIHQPENPQHFACLLGRLTELRTFNHHHAEMLMSWRVNDHKFTPLLCEIWDVQ
;
A
2 'polypeptide(L)' ENALLRYLLDK B
#
# COMPACT_ATOMS: atom_id res chain seq x y z
N GLU A 1 -26.94 -2.04 -10.96
CA GLU A 1 -25.71 -1.35 -10.41
C GLU A 1 -24.61 -1.11 -11.45
N LEU A 2 -24.18 -2.16 -12.14
CA LEU A 2 -22.87 -2.23 -12.80
C LEU A 2 -22.85 -3.30 -13.95
N THR A 3 -21.91 -3.18 -14.88
CA THR A 3 -21.83 -4.09 -16.04
C THR A 3 -21.63 -5.58 -15.63
N PRO A 4 -22.19 -6.52 -16.42
CA PRO A 4 -21.85 -7.94 -16.34
C PRO A 4 -20.36 -8.29 -16.14
N ASP A 5 -19.51 -8.01 -17.12
CA ASP A 5 -18.07 -8.27 -16.98
C ASP A 5 -17.35 -7.51 -15.82
N GLN A 6 -17.79 -6.28 -15.56
CA GLN A 6 -17.27 -5.42 -14.48
C GLN A 6 -17.64 -5.96 -13.11
N GLN A 7 -18.85 -6.46 -12.96
CA GLN A 7 -19.25 -7.05 -11.68
C GLN A 7 -18.35 -8.26 -11.32
N THR A 8 -18.03 -9.07 -12.32
CA THR A 8 -17.20 -10.26 -12.05
C THR A 8 -15.80 -9.85 -11.58
N LEU A 9 -15.20 -8.88 -12.27
CA LEU A 9 -13.90 -8.27 -11.90
C LEU A 9 -13.91 -7.65 -10.49
N LEU A 10 -14.87 -6.76 -10.27
CA LEU A 10 -15.02 -6.19 -8.96
C LEU A 10 -15.17 -7.33 -7.95
N HIS A 11 -16.02 -8.31 -8.23
CA HIS A 11 -16.27 -9.42 -7.29
C HIS A 11 -15.10 -10.39 -7.25
N PHE A 12 -13.94 -10.06 -7.80
CA PHE A 12 -12.77 -10.93 -7.77
C PHE A 12 -11.54 -10.30 -7.19
N ILE A 13 -11.40 -9.00 -7.24
CA ILE A 13 -10.27 -8.36 -6.58
C ILE A 13 -10.60 -8.54 -5.10
N MET A 14 -11.62 -7.84 -4.71
CA MET A 14 -12.30 -7.91 -3.43
C MET A 14 -12.37 -9.16 -2.51
N ASP A 15 -12.35 -10.34 -3.11
CA ASP A 15 -12.27 -11.63 -2.44
C ASP A 15 -10.82 -11.87 -2.26
N SER A 16 -10.09 -11.64 -3.35
CA SER A 16 -8.65 -11.52 -3.32
C SER A 16 -8.13 -10.65 -2.19
N TYR A 17 -8.75 -9.52 -1.96
CA TYR A 17 -8.33 -8.59 -0.90
C TYR A 17 -8.69 -9.09 0.50
N ASN A 18 -9.88 -9.65 0.65
CA ASN A 18 -10.35 -10.22 1.93
C ASN A 18 -9.40 -11.22 2.56
N LYS A 19 -8.67 -11.99 1.77
CA LYS A 19 -7.87 -13.07 2.33
C LYS A 19 -6.34 -13.13 2.19
N GLN A 20 -5.62 -12.03 2.41
CA GLN A 20 -4.14 -11.82 2.13
C GLN A 20 -3.86 -11.50 0.66
N ILE A 26 1.44 -7.98 14.03
CA ILE A 26 0.77 -6.76 13.57
C ILE A 26 0.98 -5.73 14.64
N THR A 27 0.06 -4.77 14.79
CA THR A 27 0.21 -3.59 15.71
C THR A 27 0.44 -3.53 17.23
N ASN A 28 -0.36 -4.28 17.98
CA ASN A 28 -0.33 -4.46 19.44
C ASN A 28 0.96 -4.62 20.26
N LYS A 29 2.11 -4.68 19.61
CA LYS A 29 3.36 -4.86 20.35
C LYS A 29 3.89 -3.45 20.51
N ILE A 30 3.51 -2.54 19.58
CA ILE A 30 3.77 -1.13 19.77
C ILE A 30 2.93 -0.59 20.92
N LEU A 31 1.71 -1.10 21.07
CA LEU A 31 0.79 -0.65 22.14
C LEU A 31 1.16 -0.99 23.57
N LYS A 32 2.08 -1.92 23.82
CA LYS A 32 2.29 -2.31 25.25
C LYS A 32 3.58 -2.55 25.96
N GLU A 33 4.49 -3.38 25.44
CA GLU A 33 5.80 -3.56 26.05
C GLU A 33 6.27 -2.16 25.95
N GLU A 34 5.33 -1.30 25.53
CA GLU A 34 5.54 0.17 25.56
C GLU A 34 6.31 1.18 24.67
N PHE A 35 6.94 0.63 23.65
CA PHE A 35 8.07 1.08 22.86
C PHE A 35 8.25 1.68 21.37
N SER A 36 9.09 2.72 21.43
CA SER A 36 9.52 3.62 20.37
C SER A 36 10.93 3.08 19.96
N ALA A 37 11.48 3.39 18.78
CA ALA A 37 12.66 2.64 18.48
C ALA A 37 13.54 2.75 17.25
N GLU A 38 14.83 2.69 17.59
CA GLU A 38 15.95 2.13 16.85
C GLU A 38 16.22 0.88 17.66
N GLU A 39 16.11 0.99 18.99
CA GLU A 39 16.22 -0.16 19.88
C GLU A 39 15.17 -1.25 19.58
N ASN A 40 13.94 -0.87 19.32
CA ASN A 40 12.87 -1.81 18.86
C ASN A 40 12.73 -2.06 17.33
N PHE A 41 13.75 -1.71 16.56
CA PHE A 41 13.70 -1.77 15.10
C PHE A 41 13.16 -3.11 14.56
N LEU A 42 13.33 -4.19 15.32
CA LEU A 42 12.84 -5.51 14.95
C LEU A 42 11.34 -5.57 14.69
N ILE A 43 10.62 -4.78 15.46
CA ILE A 43 9.16 -4.66 15.33
C ILE A 43 8.83 -4.05 13.99
N LEU A 44 9.54 -3.00 13.60
CA LEU A 44 9.30 -2.37 12.30
C LEU A 44 9.44 -3.28 11.09
N THR A 45 10.56 -3.95 11.01
CA THR A 45 10.88 -4.71 9.84
C THR A 45 9.90 -5.90 9.78
N GLU A 46 9.53 -6.39 10.93
CA GLU A 46 8.54 -7.45 10.99
C GLU A 46 7.18 -7.04 10.38
N MET A 47 6.75 -5.85 10.76
CA MET A 47 5.57 -5.24 10.21
C MET A 47 5.73 -5.03 8.73
N ALA A 48 6.78 -4.34 8.30
CA ALA A 48 7.01 -4.08 6.86
C ALA A 48 6.99 -5.40 6.05
N THR A 49 7.58 -6.43 6.66
CA THR A 49 7.72 -7.69 6.04
C THR A 49 6.37 -8.32 5.96
N ASN A 50 5.52 -8.14 6.97
CA ASN A 50 4.16 -8.66 6.83
C ASN A 50 3.47 -7.94 5.69
N HIS A 51 3.68 -6.62 5.60
CA HIS A 51 3.13 -5.85 4.47
C HIS A 51 3.62 -6.37 3.13
N VAL A 52 4.91 -6.60 2.98
CA VAL A 52 5.48 -6.96 1.67
C VAL A 52 4.95 -8.33 1.20
N GLN A 53 4.91 -9.29 2.12
CA GLN A 53 4.34 -10.62 1.80
C GLN A 53 2.89 -10.57 1.26
N VAL A 54 2.05 -9.74 1.86
CA VAL A 54 0.66 -9.63 1.41
C VAL A 54 0.57 -8.82 0.14
N LEU A 55 1.51 -7.90 -0.06
CA LEU A 55 1.55 -7.16 -1.29
C LEU A 55 1.69 -8.16 -2.42
N VAL A 56 2.73 -8.97 -2.33
CA VAL A 56 3.01 -9.97 -3.35
C VAL A 56 1.85 -10.93 -3.62
N GLU A 57 1.25 -11.49 -2.57
CA GLU A 57 0.14 -12.40 -2.75
C GLU A 57 -1.13 -11.79 -3.40
N PHE A 58 -1.28 -10.47 -3.34
CA PHE A 58 -2.38 -9.77 -4.01
C PHE A 58 -2.01 -9.53 -5.49
N THR A 59 -0.75 -9.19 -5.71
CA THR A 59 -0.34 -8.74 -7.03
C THR A 59 -0.39 -9.88 -8.07
N LYS A 60 -0.08 -11.09 -7.65
CA LYS A 60 -0.30 -12.30 -8.42
C LYS A 60 -1.75 -12.42 -8.93
N LYS A 61 -2.66 -12.23 -8.00
CA LYS A 61 -4.10 -12.40 -8.23
C LYS A 61 -4.68 -11.33 -9.16
N LEU A 62 -3.96 -10.23 -9.36
CA LEU A 62 -4.41 -9.16 -10.23
C LEU A 62 -4.53 -9.63 -11.68
N PRO A 63 -5.68 -9.34 -12.32
CA PRO A 63 -5.93 -9.72 -13.71
C PRO A 63 -4.94 -9.16 -14.73
N GLY A 64 -4.18 -10.08 -15.32
CA GLY A 64 -3.24 -9.77 -16.38
C GLY A 64 -1.86 -9.50 -15.85
N PHE A 65 -1.73 -9.35 -14.53
CA PHE A 65 -0.42 -9.12 -13.96
C PHE A 65 0.55 -10.19 -14.42
N GLN A 66 0.11 -11.44 -14.34
CA GLN A 66 0.98 -12.59 -14.65
C GLN A 66 1.48 -12.61 -16.09
N THR A 67 0.66 -12.05 -16.98
CA THR A 67 1.01 -11.87 -18.40
C THR A 67 2.05 -10.80 -18.71
N LEU A 68 2.44 -9.96 -17.76
CA LEU A 68 3.46 -8.94 -18.03
C LEU A 68 4.84 -9.54 -18.02
N ASP A 69 5.73 -8.87 -18.72
CA ASP A 69 7.16 -9.12 -18.68
C ASP A 69 7.61 -9.33 -17.27
N HIS A 70 8.60 -10.19 -17.06
CA HIS A 70 8.98 -10.56 -15.70
C HIS A 70 9.72 -9.45 -14.99
N GLU A 71 10.46 -8.63 -15.74
CA GLU A 71 11.17 -7.49 -15.13
C GLU A 71 10.26 -6.31 -14.83
N ASP A 72 9.27 -6.09 -15.72
CA ASP A 72 8.25 -5.08 -15.50
C ASP A 72 7.49 -5.49 -14.25
N GLN A 73 7.14 -6.77 -14.14
CA GLN A 73 6.49 -7.30 -12.95
C GLN A 73 7.16 -6.87 -11.65
N ILE A 74 8.49 -6.98 -11.62
CA ILE A 74 9.32 -6.68 -10.46
C ILE A 74 9.27 -5.17 -10.19
N ALA A 75 9.48 -4.39 -11.25
CA ALA A 75 9.48 -2.96 -11.12
C ALA A 75 8.19 -2.43 -10.45
N LEU A 76 7.05 -2.98 -10.86
CA LEU A 76 5.76 -2.66 -10.25
C LEU A 76 5.70 -3.01 -8.78
N LEU A 77 6.26 -4.15 -8.41
CA LEU A 77 6.34 -4.52 -7.02
C LEU A 77 7.22 -3.57 -6.24
N LYS A 78 8.50 -3.50 -6.63
CA LYS A 78 9.49 -2.64 -5.96
C LYS A 78 9.02 -1.20 -6.00
N GLY A 79 8.35 -0.82 -7.08
CA GLY A 79 7.77 0.50 -7.22
C GLY A 79 6.63 0.85 -6.28
N SER A 80 5.95 -0.15 -5.73
CA SER A 80 4.69 0.03 -5.02
C SER A 80 4.68 -0.43 -3.59
N ALA A 81 5.80 -0.88 -3.04
CA ALA A 81 5.80 -1.45 -1.69
C ALA A 81 5.39 -0.42 -0.63
N VAL A 82 5.97 0.77 -0.74
CA VAL A 82 5.84 1.80 0.27
C VAL A 82 4.44 2.35 0.24
N GLU A 83 3.96 2.64 -0.95
CA GLU A 83 2.61 3.20 -1.13
C GLU A 83 1.50 2.29 -0.60
N ALA A 84 1.62 1.01 -0.93
CA ALA A 84 0.72 -0.01 -0.42
C ALA A 84 0.87 -0.24 1.07
N MET A 85 2.10 -0.19 1.59
CA MET A 85 2.29 -0.33 3.01
C MET A 85 1.50 0.77 3.73
N PHE A 86 1.50 1.98 3.17
CA PHE A 86 0.76 3.11 3.74
C PHE A 86 -0.73 3.02 3.54
N LEU A 87 -1.12 2.73 2.32
CA LEU A 87 -2.52 2.66 2.04
C LEU A 87 -3.21 1.59 2.91
N ARG A 88 -2.54 0.45 3.12
CA ARG A 88 -3.04 -0.61 4.01
C ARG A 88 -3.10 -0.16 5.46
N SER A 89 -2.06 0.51 5.94
CA SER A 89 -2.08 1.04 7.31
C SER A 89 -3.31 1.93 7.55
N ALA A 90 -3.69 2.72 6.55
CA ALA A 90 -4.83 3.60 6.71
C ALA A 90 -6.10 2.78 6.91
N GLU A 91 -6.28 1.71 6.14
CA GLU A 91 -7.41 0.80 6.37
C GLU A 91 -7.37 0.15 7.76
N ILE A 92 -6.18 -0.20 8.25
CA ILE A 92 -6.08 -0.65 9.63
C ILE A 92 -6.44 0.50 10.59
N PHE A 93 -5.84 1.66 10.39
CA PHE A 93 -5.91 2.77 11.38
C PHE A 93 -7.33 3.27 11.59
N ASN A 94 -7.99 3.65 10.51
CA ASN A 94 -9.33 4.19 10.57
C ASN A 94 -10.36 3.06 10.67
N LYS A 95 -10.38 2.17 9.66
CA LYS A 95 -11.44 1.14 9.58
C LYS A 95 -11.36 -0.01 10.58
N LYS A 96 -10.13 -0.34 10.99
CA LYS A 96 -10.03 -1.49 11.91
C LYS A 96 -9.22 -1.71 13.14
N LEU A 97 -9.71 -1.15 14.22
CA LEU A 97 -9.06 -0.95 15.48
C LEU A 97 -10.17 -0.36 16.33
N PRO A 98 -10.35 -0.84 17.54
CA PRO A 98 -11.38 -0.14 18.27
C PRO A 98 -10.92 1.19 18.87
N SER A 99 -11.89 1.95 19.37
CA SER A 99 -11.71 3.29 19.88
C SER A 99 -10.70 3.30 20.99
N GLY A 100 -9.77 4.25 20.88
CA GLY A 100 -8.66 4.39 21.82
C GLY A 100 -7.36 3.84 21.35
N HIS A 101 -7.40 2.83 20.49
CA HIS A 101 -6.22 2.14 20.02
C HIS A 101 -5.43 3.07 19.07
N SER A 102 -6.12 3.65 18.10
CA SER A 102 -5.47 4.61 17.23
C SER A 102 -4.77 5.76 17.97
N ASP A 103 -5.38 6.25 19.06
CA ASP A 103 -4.81 7.37 19.86
C ASP A 103 -3.47 7.07 20.51
N LEU A 104 -3.38 5.89 21.15
CA LEU A 104 -2.14 5.45 21.80
C LEU A 104 -1.11 5.14 20.77
N LEU A 105 -1.53 4.54 19.68
CA LEU A 105 -0.66 4.23 18.61
C LEU A 105 0.06 5.47 18.10
N GLU A 106 -0.69 6.55 17.81
CA GLU A 106 -0.04 7.76 17.30
C GLU A 106 0.97 8.27 18.28
N GLU A 107 0.55 8.32 19.54
CA GLU A 107 1.39 8.90 20.56
C GLU A 107 2.60 8.02 20.83
N ARG A 108 2.43 6.71 20.71
CA ARG A 108 3.56 5.82 20.90
C ARG A 108 4.63 6.14 19.86
N ILE A 109 4.15 6.27 18.63
CA ILE A 109 4.96 6.64 17.49
C ILE A 109 5.62 8.01 17.63
N ARG A 110 4.88 9.08 17.90
CA ARG A 110 5.54 10.39 18.19
C ARG A 110 6.75 10.26 19.16
N ASN A 111 6.63 9.34 20.11
CA ASN A 111 7.74 8.91 20.97
C ASN A 111 8.84 8.06 20.38
N SER A 112 8.62 7.49 19.19
CA SER A 112 9.61 6.65 18.41
C SER A 112 10.99 7.21 18.17
N GLY A 113 11.16 8.52 18.23
CA GLY A 113 12.42 9.15 17.82
C GLY A 113 12.54 9.13 16.29
N ILE A 114 11.40 9.04 15.65
CA ILE A 114 11.24 9.11 14.24
C ILE A 114 10.55 10.46 14.20
N SER A 115 11.23 11.40 13.57
CA SER A 115 10.83 12.80 13.55
C SER A 115 9.68 13.28 12.64
N ASP A 116 8.74 13.96 13.28
CA ASP A 116 7.58 14.61 12.62
C ASP A 116 7.70 15.02 11.17
N GLU A 117 8.87 15.48 10.75
CA GLU A 117 9.05 15.77 9.34
C GLU A 117 8.46 14.59 8.59
N TYR A 118 8.73 13.38 9.09
CA TYR A 118 8.09 12.20 8.57
C TYR A 118 6.76 11.83 9.25
N ILE A 119 6.62 12.05 10.55
CA ILE A 119 5.44 11.59 11.32
C ILE A 119 4.14 12.36 11.01
N THR A 120 4.29 13.66 10.84
CA THR A 120 3.12 14.52 10.71
C THR A 120 2.40 14.25 9.37
N PRO A 121 3.18 14.16 8.27
CA PRO A 121 2.52 13.79 7.00
C PRO A 121 1.79 12.44 7.07
N MET A 122 2.40 11.44 7.72
CA MET A 122 1.76 10.13 7.89
C MET A 122 0.35 10.27 8.52
N PHE A 123 0.29 10.97 9.65
CA PHE A 123 -0.98 11.12 10.35
C PHE A 123 -2.01 12.04 9.65
N SER A 124 -1.56 13.16 9.10
CA SER A 124 -2.48 13.96 8.27
C SER A 124 -3.05 13.17 7.07
N PHE A 125 -2.20 12.44 6.36
CA PHE A 125 -2.66 11.57 5.31
C PHE A 125 -3.72 10.60 5.82
N TYR A 126 -3.47 9.91 6.95
CA TYR A 126 -4.47 8.95 7.53
C TYR A 126 -5.80 9.58 7.89
N LYS A 127 -5.77 10.75 8.52
CA LYS A 127 -6.99 11.49 8.83
C LYS A 127 -7.70 11.83 7.56
N SER A 128 -7.00 12.38 6.61
CA SER A 128 -7.68 12.88 5.46
C SER A 128 -8.47 11.73 4.80
N ILE A 129 -7.81 10.59 4.64
CA ILE A 129 -8.44 9.43 4.03
C ILE A 129 -9.52 8.80 4.96
N GLY A 130 -9.27 8.80 6.27
CA GLY A 130 -10.28 8.46 7.25
C GLY A 130 -11.56 9.25 7.01
N GLU A 131 -11.43 10.57 7.00
CA GLU A 131 -12.54 11.51 6.74
C GLU A 131 -13.26 11.29 5.42
N LEU A 132 -12.57 10.65 4.48
CA LEU A 132 -13.13 10.20 3.20
C LEU A 132 -14.08 9.00 3.30
N LYS A 133 -14.10 8.33 4.47
CA LYS A 133 -15.02 7.22 4.79
C LYS A 133 -15.12 6.25 3.66
N MET A 134 -14.06 5.49 3.44
CA MET A 134 -13.99 4.59 2.32
C MET A 134 -14.47 3.18 2.64
N THR A 135 -15.16 2.57 1.68
CA THR A 135 -15.58 1.19 1.77
C THR A 135 -14.41 0.26 1.47
N GLN A 136 -14.62 -1.00 1.75
CA GLN A 136 -13.63 -2.01 1.47
C GLN A 136 -13.35 -2.09 -0.02
N GLU A 137 -14.40 -1.97 -0.85
CA GLU A 137 -14.26 -2.03 -2.31
C GLU A 137 -13.35 -0.91 -2.81
N GLU A 138 -13.58 0.29 -2.30
CA GLU A 138 -12.72 1.40 -2.63
C GLU A 138 -11.25 1.12 -2.23
N TYR A 139 -11.00 0.72 -0.97
CA TYR A 139 -9.62 0.42 -0.51
C TYR A 139 -8.96 -0.66 -1.40
N ALA A 140 -9.74 -1.68 -1.77
CA ALA A 140 -9.23 -2.82 -2.51
C ALA A 140 -8.80 -2.42 -3.88
N LEU A 141 -9.72 -1.76 -4.57
CA LEU A 141 -9.60 -1.38 -5.99
C LEU A 141 -8.46 -0.37 -6.14
N LEU A 142 -8.43 0.57 -5.20
CA LEU A 142 -7.42 1.61 -5.16
C LEU A 142 -6.03 1.07 -4.91
N THR A 143 -5.96 0.04 -4.07
CA THR A 143 -4.73 -0.72 -3.82
C THR A 143 -4.23 -1.28 -5.12
N ALA A 144 -5.14 -1.89 -5.88
CA ALA A 144 -4.78 -2.50 -7.17
C ALA A 144 -4.39 -1.47 -8.25
N ILE A 145 -4.92 -0.25 -8.16
CA ILE A 145 -4.54 0.84 -9.06
C ILE A 145 -3.11 1.34 -8.75
N VAL A 146 -2.83 1.54 -7.47
CA VAL A 146 -1.46 1.84 -7.05
C VAL A 146 -0.48 0.86 -7.69
N ILE A 147 -0.74 -0.44 -7.55
CA ILE A 147 0.19 -1.49 -7.96
C ILE A 147 0.44 -1.45 -9.46
N LEU A 148 -0.64 -1.27 -10.21
CA LEU A 148 -0.55 -1.19 -11.67
C LEU A 148 -0.31 0.24 -12.21
N SER A 149 0.67 0.94 -11.64
CA SER A 149 0.98 2.32 -11.97
C SER A 149 1.87 2.31 -13.22
N PRO A 150 1.35 2.77 -14.36
CA PRO A 150 2.19 2.72 -15.58
C PRO A 150 3.52 3.46 -15.59
N ASP A 151 3.71 4.40 -14.69
CA ASP A 151 4.82 5.32 -14.85
C ASP A 151 6.05 4.97 -14.04
N ARG A 152 6.00 3.86 -13.29
CA ARG A 152 7.08 3.48 -12.39
C ARG A 152 8.39 3.42 -13.18
N GLN A 153 9.51 3.60 -12.48
CA GLN A 153 10.79 3.61 -13.16
C GLN A 153 11.28 2.27 -13.59
N TYR A 154 12.15 2.26 -14.59
CA TYR A 154 12.64 1.04 -15.22
C TYR A 154 11.54 0.16 -15.78
N ILE A 155 10.41 0.74 -16.18
CA ILE A 155 9.41 -0.03 -16.94
C ILE A 155 9.74 0.07 -18.43
N LYS A 156 9.73 -1.07 -19.08
CA LYS A 156 10.11 -1.17 -20.47
C LYS A 156 8.91 -0.91 -21.34
N ASP A 157 7.82 -1.67 -21.13
CA ASP A 157 6.57 -1.52 -21.91
C ASP A 157 5.47 -0.85 -21.06
N ARG A 158 5.48 0.48 -21.08
CA ARG A 158 4.54 1.26 -20.31
C ARG A 158 3.09 1.03 -20.74
N GLU A 159 2.90 0.83 -22.03
CA GLU A 159 1.57 0.76 -22.59
C GLU A 159 0.84 -0.52 -22.17
N ALA A 160 1.58 -1.55 -21.80
CA ALA A 160 0.99 -2.81 -21.35
C ALA A 160 0.33 -2.69 -20.01
N VAL A 161 0.83 -1.74 -19.18
CA VAL A 161 0.41 -1.63 -17.79
C VAL A 161 -0.84 -0.79 -17.72
N GLU A 162 -0.83 0.36 -18.36
CA GLU A 162 -2.08 1.00 -18.75
C GLU A 162 -2.67 -0.16 -19.52
N LYS A 163 -3.98 -0.17 -19.68
CA LYS A 163 -4.65 -1.27 -20.40
C LYS A 163 -4.92 -2.35 -19.45
N LEU A 164 -4.45 -2.18 -18.25
CA LEU A 164 -4.53 -3.15 -17.19
C LEU A 164 -5.02 -2.41 -15.95
N GLN A 165 -4.68 -1.12 -15.89
CA GLN A 165 -5.11 -0.19 -14.84
C GLN A 165 -6.41 0.44 -15.28
N GLU A 166 -6.43 0.90 -16.53
CA GLU A 166 -7.64 1.44 -17.16
C GLU A 166 -8.98 0.74 -16.77
N PRO A 167 -9.08 -0.59 -16.93
CA PRO A 167 -10.28 -1.29 -16.48
C PRO A 167 -10.67 -1.08 -15.00
N LEU A 168 -9.68 -1.05 -14.10
CA LEU A 168 -9.91 -0.88 -12.66
C LEU A 168 -10.42 0.53 -12.36
N LEU A 169 -9.93 1.48 -13.15
CA LEU A 169 -10.32 2.86 -12.98
C LEU A 169 -11.76 3.05 -13.39
N ASP A 170 -12.16 2.40 -14.48
CA ASP A 170 -13.55 2.53 -14.92
C ASP A 170 -14.56 1.87 -13.99
N VAL A 171 -14.19 0.80 -13.31
CA VAL A 171 -15.04 0.25 -12.26
C VAL A 171 -15.27 1.27 -11.16
N LEU A 172 -14.18 1.86 -10.67
CA LEU A 172 -14.19 2.71 -9.47
C LEU A 172 -14.98 4.00 -9.67
N GLN A 173 -14.86 4.61 -10.84
CA GLN A 173 -15.66 5.79 -11.19
C GLN A 173 -17.14 5.48 -11.06
N LYS A 174 -17.55 4.44 -11.78
CA LYS A 174 -18.94 4.00 -11.78
C LYS A 174 -19.36 3.57 -10.39
N LEU A 175 -18.47 3.00 -9.60
CA LEU A 175 -18.81 2.60 -8.24
C LEU A 175 -19.18 3.81 -7.39
N CYS A 176 -18.28 4.77 -7.33
CA CYS A 176 -18.52 6.02 -6.62
C CYS A 176 -19.83 6.69 -7.05
N LYS A 177 -20.08 6.69 -8.37
CA LYS A 177 -21.29 7.29 -8.98
C LYS A 177 -22.63 6.85 -8.37
N ILE A 178 -22.66 5.61 -7.89
CA ILE A 178 -23.86 5.02 -7.41
C ILE A 178 -23.80 4.92 -5.91
N HIS A 179 -22.67 4.58 -5.32
CA HIS A 179 -22.68 4.55 -3.86
C HIS A 179 -22.02 5.61 -3.01
N GLN A 180 -21.64 6.70 -3.69
CA GLN A 180 -21.60 8.05 -3.13
C GLN A 180 -22.23 8.90 -4.21
N PRO A 181 -23.53 8.60 -4.53
CA PRO A 181 -24.25 9.50 -5.39
C PRO A 181 -24.46 10.65 -4.43
N GLU A 182 -24.64 11.85 -4.97
CA GLU A 182 -24.69 13.07 -4.18
C GLU A 182 -23.28 13.37 -3.73
N ASN A 183 -22.29 13.06 -4.55
CA ASN A 183 -20.92 13.48 -4.25
C ASN A 183 -19.97 13.34 -5.42
N PRO A 184 -20.29 13.93 -6.60
CA PRO A 184 -19.59 13.57 -7.87
C PRO A 184 -18.07 13.86 -7.83
N GLN A 185 -17.65 14.65 -6.84
CA GLN A 185 -16.26 14.94 -6.66
C GLN A 185 -15.51 13.80 -6.01
N HIS A 186 -16.22 12.87 -5.35
CA HIS A 186 -15.64 11.82 -4.49
C HIS A 186 -14.62 10.98 -5.23
N PHE A 187 -14.90 10.68 -6.50
CA PHE A 187 -13.96 9.88 -7.30
C PHE A 187 -12.62 10.58 -7.53
N ALA A 188 -12.62 11.90 -7.80
CA ALA A 188 -11.38 12.69 -7.81
C ALA A 188 -10.63 12.73 -6.48
N CYS A 189 -11.34 12.96 -5.38
CA CYS A 189 -10.77 12.86 -4.04
C CYS A 189 -9.97 11.56 -3.85
N LEU A 190 -10.57 10.42 -4.20
CA LEU A 190 -9.93 9.12 -4.00
C LEU A 190 -8.63 9.04 -4.75
N LEU A 191 -8.66 9.46 -6.02
CA LEU A 191 -7.45 9.52 -6.90
C LEU A 191 -6.35 10.43 -6.34
N GLY A 192 -6.70 11.60 -5.80
CA GLY A 192 -5.74 12.44 -5.08
C GLY A 192 -4.93 11.72 -4.00
N ARG A 193 -5.55 10.74 -3.36
CA ARG A 193 -4.86 9.86 -2.42
C ARG A 193 -3.70 9.07 -3.06
N LEU A 194 -3.85 8.67 -4.33
CA LEU A 194 -2.72 8.09 -5.10
C LEU A 194 -1.61 9.07 -5.28
N THR A 195 -1.97 10.31 -5.61
CA THR A 195 -0.99 11.39 -5.62
C THR A 195 -0.37 11.59 -4.22
N GLU A 196 -1.21 11.62 -3.21
CA GLU A 196 -0.72 11.87 -1.89
C GLU A 196 0.31 10.83 -1.48
N LEU A 197 0.09 9.57 -1.87
CA LEU A 197 0.96 8.48 -1.40
C LEU A 197 2.38 8.59 -1.92
N ARG A 198 2.53 9.11 -3.13
CA ARG A 198 3.85 9.21 -3.80
C ARG A 198 4.96 9.84 -2.97
N THR A 199 4.57 10.79 -2.14
CA THR A 199 5.52 11.54 -1.37
C THR A 199 6.28 10.63 -0.39
N PHE A 200 5.58 9.68 0.25
CA PHE A 200 6.20 8.69 1.21
C PHE A 200 7.45 7.95 0.69
N ASN A 201 7.53 7.71 -0.63
CA ASN A 201 8.73 7.11 -1.20
C ASN A 201 9.97 7.98 -0.92
N HIS A 202 9.81 9.31 -0.97
CA HIS A 202 10.93 10.24 -0.79
C HIS A 202 11.36 10.02 0.64
N HIS A 203 10.41 10.21 1.53
CA HIS A 203 10.62 9.97 2.94
C HIS A 203 11.26 8.60 3.24
N HIS A 204 10.76 7.55 2.59
CA HIS A 204 11.35 6.22 2.73
C HIS A 204 12.84 6.27 2.45
N ALA A 205 13.17 6.52 1.19
CA ALA A 205 14.54 6.68 0.76
C ALA A 205 15.43 7.31 1.83
N GLU A 206 14.94 8.43 2.36
CA GLU A 206 15.66 9.22 3.32
C GLU A 206 15.80 8.53 4.64
N MET A 207 14.77 7.77 5.02
CA MET A 207 14.75 7.07 6.31
C MET A 207 15.58 5.83 6.21
N LEU A 208 15.45 5.16 5.07
CA LEU A 208 16.21 3.98 4.77
C LEU A 208 17.68 4.31 4.84
N MET A 209 18.10 5.40 4.20
CA MET A 209 19.52 5.79 4.17
C MET A 209 20.13 6.03 5.55
N SER A 210 19.33 6.61 6.44
CA SER A 210 19.73 6.84 7.81
C SER A 210 19.90 5.52 8.58
N TRP A 211 19.08 4.54 8.27
CA TRP A 211 19.21 3.27 8.96
C TRP A 211 20.41 2.41 8.54
N ARG A 212 20.92 2.64 7.34
CA ARG A 212 22.11 1.95 6.89
C ARG A 212 23.33 2.57 7.55
N VAL A 213 23.29 3.89 7.76
CA VAL A 213 24.36 4.60 8.47
C VAL A 213 24.40 4.25 9.97
N ASN A 214 23.31 3.75 10.52
CA ASN A 214 23.35 3.11 11.85
C ASN A 214 23.52 1.58 11.80
N ASP A 215 23.93 1.05 10.64
CA ASP A 215 23.94 -0.40 10.38
C ASP A 215 22.81 -1.20 11.07
N HIS A 216 21.58 -1.00 10.58
CA HIS A 216 20.42 -1.81 11.01
C HIS A 216 20.29 -3.08 10.17
N LYS A 217 19.69 -4.10 10.76
CA LYS A 217 19.47 -5.38 10.08
C LYS A 217 18.08 -5.37 9.44
N PHE A 218 17.98 -5.83 8.19
CA PHE A 218 16.70 -5.96 7.50
C PHE A 218 16.45 -7.41 7.15
N THR A 219 15.16 -7.80 7.07
CA THR A 219 14.82 -9.18 6.70
C THR A 219 15.27 -9.46 5.25
N PRO A 220 15.60 -10.71 4.93
CA PRO A 220 15.77 -11.09 3.52
C PRO A 220 14.84 -10.34 2.55
N LEU A 221 13.53 -10.48 2.70
CA LEU A 221 12.56 -9.92 1.76
C LEU A 221 12.73 -8.45 1.51
N LEU A 222 12.79 -7.69 2.60
CA LEU A 222 13.03 -6.24 2.55
C LEU A 222 14.34 -5.90 1.81
N CYS A 223 15.36 -6.75 2.03
CA CYS A 223 16.64 -6.65 1.31
C CYS A 223 16.39 -6.62 -0.19
N GLU A 224 15.60 -7.58 -0.66
CA GLU A 224 15.31 -7.67 -2.09
C GLU A 224 14.44 -6.53 -2.60
N ILE A 225 13.34 -6.25 -1.93
CA ILE A 225 12.38 -5.27 -2.40
C ILE A 225 12.98 -3.84 -2.42
N TRP A 226 13.95 -3.56 -1.56
CA TRP A 226 14.50 -2.23 -1.46
C TRP A 226 16.00 -2.07 -1.73
N ASP A 227 16.70 -3.11 -2.20
CA ASP A 227 18.12 -2.98 -2.64
C ASP A 227 19.03 -2.43 -1.56
N VAL A 228 19.16 -3.23 -0.53
CA VAL A 228 20.04 -2.97 0.60
C VAL A 228 21.07 -4.07 0.60
N GLU B 1 18.62 -11.07 -10.12
CA GLU B 1 18.50 -11.17 -8.70
C GLU B 1 17.09 -11.37 -8.39
N ASN B 2 16.69 -10.70 -7.33
CA ASN B 2 15.26 -10.74 -6.96
C ASN B 2 14.71 -12.15 -7.04
N ALA B 3 15.48 -13.05 -6.47
CA ALA B 3 15.22 -14.45 -6.57
C ALA B 3 13.97 -14.82 -5.84
N LEU B 4 13.79 -14.20 -4.66
CA LEU B 4 12.65 -14.44 -3.77
C LEU B 4 11.35 -13.83 -4.27
N LEU B 5 11.47 -12.69 -4.92
CA LEU B 5 10.32 -12.07 -5.55
C LEU B 5 9.84 -12.94 -6.72
N ARG B 6 10.75 -13.31 -7.59
CA ARG B 6 10.41 -14.22 -8.65
C ARG B 6 9.77 -15.45 -8.08
N TYR B 7 10.41 -16.18 -7.19
CA TYR B 7 9.70 -17.32 -6.55
C TYR B 7 8.26 -17.08 -6.08
N LEU B 8 8.10 -16.03 -5.29
CA LEU B 8 6.80 -15.71 -4.71
C LEU B 8 5.75 -15.39 -5.80
N LEU B 9 6.20 -14.91 -6.96
CA LEU B 9 5.33 -14.58 -8.10
C LEU B 9 5.04 -15.79 -8.98
N ASP B 10 6.08 -16.55 -9.31
CA ASP B 10 5.96 -17.76 -10.07
C ASP B 10 5.60 -18.85 -9.11
N LYS B 11 4.31 -19.10 -8.96
CA LYS B 11 3.83 -20.14 -8.06
C LYS B 11 2.70 -20.96 -8.70
#